data_6NO6
#
_entry.id   6NO6
#
_cell.length_a   82.987
_cell.length_b   97.543
_cell.length_c   67.387
_cell.angle_alpha   90.000
_cell.angle_beta   90.000
_cell.angle_gamma   90.000
#
_symmetry.space_group_name_H-M   'P 21 21 2'
#
loop_
_entity.id
_entity.type
_entity.pdbx_description
1 polymer 'Succinate--CoA ligase [ADP-forming] subunit beta'
2 water water
#
_entity_poly.entity_id   1
_entity_poly.type   'polypeptide(L)'
_entity_poly.pdbx_seq_one_letter_code
;MNIHEWQSKQLIQKYGGRAQSGEVAFSPERSRDIAKKLWNQFPGCEFVVKAQVLAGGRGKGHWEHGMQGGVKLAKTPEEV
YEIANEMIGHKLITKQTGAKGINCNKVMVCGAVDILKEFYLSILLDRAMGCPVIIATSQGGMGIEEVAQKCPECLFKVPI
SVKNGPTNEQLVKLAKDLGLEGDLVQDCVDNVKALYQVFDKCDSTMVEINPLGVIETPTDEKVICCLDAKIAFDKDAAFG
LEHHHHHHHH
;
_entity_poly.pdbx_strand_id   A,B
#
# COMPACT_ATOMS: atom_id res chain seq x y z
N MET A 1 -27.94 -16.02 -9.18
CA MET A 1 -26.78 -15.43 -9.91
C MET A 1 -25.90 -14.67 -8.93
N ASN A 2 -24.60 -15.01 -8.90
CA ASN A 2 -23.64 -14.34 -8.02
C ASN A 2 -22.69 -13.49 -8.83
N ILE A 3 -22.21 -12.39 -8.22
CA ILE A 3 -21.15 -11.60 -8.83
C ILE A 3 -19.83 -11.97 -8.15
N HIS A 4 -18.74 -11.66 -8.83
CA HIS A 4 -17.43 -12.12 -8.40
C HIS A 4 -16.98 -11.42 -7.12
N GLU A 5 -15.90 -11.96 -6.53
CA GLU A 5 -15.37 -11.43 -5.28
C GLU A 5 -15.06 -9.94 -5.43
N TRP A 6 -14.27 -9.57 -6.43
CA TRP A 6 -13.85 -8.16 -6.51
C TRP A 6 -15.02 -7.22 -6.81
N GLN A 7 -16.01 -7.66 -7.60
CA GLN A 7 -17.20 -6.83 -7.86
C GLN A 7 -18.02 -6.69 -6.59
N SER A 8 -18.20 -7.79 -5.87
CA SER A 8 -18.90 -7.78 -4.58
C SER A 8 -18.27 -6.76 -3.64
N LYS A 9 -16.93 -6.77 -3.55
CA LYS A 9 -16.21 -5.83 -2.68
C LYS A 9 -16.36 -4.39 -3.17
N GLN A 10 -16.32 -4.17 -4.48
CA GLN A 10 -16.53 -2.82 -5.00
C GLN A 10 -17.93 -2.32 -4.67
N LEU A 11 -18.94 -3.19 -4.77
CA LEU A 11 -20.28 -2.78 -4.44
C LEU A 11 -20.39 -2.41 -2.95
N ILE A 12 -19.79 -3.23 -2.06
CA ILE A 12 -19.76 -2.92 -0.62
C ILE A 12 -19.10 -1.57 -0.38
N GLN A 13 -17.96 -1.32 -1.05
CA GLN A 13 -17.25 -0.04 -0.88
C GLN A 13 -18.10 1.15 -1.28
N LYS A 14 -18.87 0.99 -2.37
CA LYS A 14 -19.75 2.06 -2.82
C LYS A 14 -20.72 2.47 -1.72
N TYR A 15 -21.14 1.54 -0.85
CA TYR A 15 -22.02 1.89 0.25
C TYR A 15 -21.26 2.16 1.54
N GLY A 16 -19.96 2.38 1.48
CA GLY A 16 -19.22 2.81 2.65
C GLY A 16 -18.61 1.71 3.46
N GLY A 17 -18.58 0.49 2.95
CA GLY A 17 -17.91 -0.57 3.67
C GLY A 17 -16.43 -0.57 3.34
N ARG A 18 -15.64 -1.07 4.27
CA ARG A 18 -14.21 -1.25 4.03
C ARG A 18 -14.01 -2.64 3.44
N ALA A 19 -13.41 -2.71 2.25
CA ALA A 19 -13.20 -3.96 1.55
C ALA A 19 -11.92 -3.90 0.74
N GLN A 20 -11.15 -4.99 0.76
CA GLN A 20 -9.94 -5.05 -0.06
C GLN A 20 -10.32 -5.58 -1.44
N SER A 21 -10.88 -4.67 -2.28
CA SER A 21 -11.30 -5.03 -3.63
C SER A 21 -10.10 -5.19 -4.56
N GLY A 22 -8.94 -4.69 -4.16
CA GLY A 22 -7.74 -4.88 -4.99
C GLY A 22 -7.93 -4.26 -6.36
N GLU A 23 -7.37 -4.90 -7.38
CA GLU A 23 -7.59 -4.50 -8.77
C GLU A 23 -7.66 -5.76 -9.63
N VAL A 24 -8.65 -5.85 -10.53
CA VAL A 24 -8.83 -7.06 -11.35
C VAL A 24 -7.90 -7.01 -12.55
N ALA A 25 -7.45 -8.18 -13.00
CA ALA A 25 -6.59 -8.28 -14.17
C ALA A 25 -7.00 -9.49 -15.01
N PHE A 26 -7.03 -9.27 -16.32
CA PHE A 26 -7.40 -10.25 -17.33
C PHE A 26 -6.22 -10.80 -18.11
N SER A 27 -5.00 -10.45 -17.72
CA SER A 27 -3.81 -11.04 -18.32
C SER A 27 -2.75 -11.03 -17.24
N PRO A 28 -1.77 -11.95 -17.31
CA PRO A 28 -0.65 -11.89 -16.36
C PRO A 28 0.18 -10.63 -16.46
N GLU A 29 0.30 -10.06 -17.66
CA GLU A 29 1.02 -8.82 -17.84
C GLU A 29 0.39 -7.69 -17.05
N ARG A 30 -0.92 -7.55 -17.15
CA ARG A 30 -1.63 -6.53 -16.37
C ARG A 30 -1.46 -6.78 -14.88
N SER A 31 -1.57 -8.05 -14.46
CA SER A 31 -1.37 -8.39 -13.05
C SER A 31 -0.04 -7.87 -12.53
N ARG A 32 1.03 -8.09 -13.30
CA ARG A 32 2.36 -7.63 -12.92
C ARG A 32 2.44 -6.11 -12.86
N ASP A 33 1.82 -5.43 -13.84
CA ASP A 33 1.81 -3.97 -13.84
C ASP A 33 1.12 -3.44 -12.60
N ILE A 34 0.04 -4.09 -12.19
CA ILE A 34 -0.68 -3.63 -10.99
C ILE A 34 0.23 -3.69 -9.79
N ALA A 35 0.91 -4.82 -9.66
CA ALA A 35 1.83 -5.05 -8.56
C ALA A 35 2.95 -4.05 -8.57
N LYS A 36 3.58 -3.87 -9.74
CA LYS A 36 4.69 -2.93 -9.85
C LYS A 36 4.26 -1.53 -9.41
N LYS A 37 3.08 -1.10 -9.84
CA LYS A 37 2.59 0.22 -9.48
C LYS A 37 2.35 0.32 -7.98
N LEU A 38 1.88 -0.76 -7.35
CA LEU A 38 1.63 -0.72 -5.91
C LEU A 38 2.93 -0.54 -5.13
N TRP A 39 4.04 -1.00 -5.66
CA TRP A 39 5.35 -0.77 -5.05
C TRP A 39 5.79 0.69 -5.10
N ASN A 40 5.09 1.53 -5.86
CA ASN A 40 5.31 2.96 -5.77
C ASN A 40 4.75 3.54 -4.48
N GLN A 41 3.72 2.92 -3.94
CA GLN A 41 3.00 3.41 -2.78
C GLN A 41 3.43 2.72 -1.49
N PHE A 42 3.58 1.40 -1.53
CA PHE A 42 3.97 0.62 -0.36
C PHE A 42 5.16 -0.21 -0.82
N PRO A 43 6.32 0.43 -0.96
CA PRO A 43 7.49 -0.30 -1.47
C PRO A 43 7.81 -1.48 -0.58
N GLY A 44 8.15 -2.59 -1.22
CA GLY A 44 8.50 -3.81 -0.53
C GLY A 44 7.31 -4.66 -0.11
N CYS A 45 6.09 -4.21 -0.34
CA CYS A 45 4.97 -5.00 0.09
C CYS A 45 4.93 -6.33 -0.68
N GLU A 46 4.17 -7.26 -0.12
CA GLU A 46 3.86 -8.49 -0.81
C GLU A 46 2.46 -8.38 -1.41
N PHE A 47 2.10 -9.38 -2.19
CA PHE A 47 0.88 -9.38 -2.98
C PHE A 47 0.13 -10.69 -2.77
N VAL A 48 -1.19 -10.60 -2.95
CA VAL A 48 -2.04 -11.79 -2.99
C VAL A 48 -2.71 -11.83 -4.34
N VAL A 49 -2.69 -13.00 -4.97
CA VAL A 49 -3.33 -13.21 -6.27
C VAL A 49 -4.49 -14.18 -6.08
N LYS A 50 -5.68 -13.74 -6.45
CA LYS A 50 -6.91 -14.47 -6.17
C LYS A 50 -7.65 -14.71 -7.48
N ALA A 51 -7.78 -15.98 -7.84
CA ALA A 51 -8.58 -16.34 -9.00
C ALA A 51 -10.00 -15.87 -8.81
N GLN A 52 -10.54 -15.20 -9.81
CA GLN A 52 -11.94 -14.73 -9.76
C GLN A 52 -12.75 -15.74 -10.54
N VAL A 53 -13.36 -16.67 -9.83
CA VAL A 53 -14.17 -17.71 -10.44
C VAL A 53 -15.44 -17.83 -9.62
N LEU A 54 -16.56 -18.15 -10.28
CA LEU A 54 -17.82 -18.38 -9.56
C LEU A 54 -17.85 -19.85 -9.16
N ALA A 55 -17.19 -20.14 -8.05
CA ALA A 55 -17.15 -21.48 -7.46
C ALA A 55 -16.52 -21.35 -6.09
N GLY A 56 -16.96 -22.20 -5.18
CA GLY A 56 -16.39 -22.20 -3.85
C GLY A 56 -15.21 -23.13 -3.74
N GLY A 57 -14.55 -23.05 -2.58
CA GLY A 57 -13.42 -23.89 -2.30
C GLY A 57 -12.20 -23.56 -3.10
N ARG A 58 -12.05 -22.28 -3.47
CA ARG A 58 -10.89 -21.81 -4.24
C ARG A 58 -9.58 -22.05 -3.48
N GLY A 59 -9.54 -21.71 -2.19
CA GLY A 59 -8.28 -21.77 -1.48
C GLY A 59 -7.71 -23.19 -1.43
N LYS A 60 -8.59 -24.18 -1.28
CA LYS A 60 -8.12 -25.55 -1.22
C LYS A 60 -7.98 -26.18 -2.59
N GLY A 61 -8.52 -25.54 -3.61
CA GLY A 61 -8.51 -26.11 -4.94
C GLY A 61 -7.12 -26.14 -5.54
N HIS A 62 -7.06 -26.80 -6.68
CA HIS A 62 -5.81 -26.94 -7.41
C HIS A 62 -6.08 -26.86 -8.90
N TRP A 63 -5.06 -26.39 -9.61
CA TRP A 63 -5.14 -26.21 -11.03
C TRP A 63 -4.62 -27.46 -11.74
N GLU A 64 -5.06 -27.63 -12.98
CA GLU A 64 -4.76 -28.86 -13.71
C GLU A 64 -3.27 -29.17 -13.75
N HIS A 65 -2.45 -28.15 -13.97
CA HIS A 65 -1.02 -28.33 -14.22
C HIS A 65 -0.19 -28.32 -12.94
N GLY A 66 -0.80 -28.36 -11.76
CA GLY A 66 -0.09 -28.64 -10.51
C GLY A 66 -0.11 -27.53 -9.48
N MET A 67 -0.37 -26.28 -9.87
CA MET A 67 -0.30 -25.23 -8.87
C MET A 67 -1.38 -25.49 -7.81
N GLN A 68 -1.02 -25.25 -6.57
CA GLN A 68 -1.92 -25.43 -5.44
C GLN A 68 -2.51 -24.08 -5.08
N GLY A 69 -3.84 -24.04 -5.02
CA GLY A 69 -4.54 -22.91 -4.45
C GLY A 69 -5.13 -21.93 -5.44
N GLY A 70 -6.34 -21.47 -5.18
CA GLY A 70 -6.80 -20.31 -5.91
C GLY A 70 -6.41 -18.98 -5.32
N VAL A 71 -5.78 -18.96 -4.14
CA VAL A 71 -5.40 -17.72 -3.45
C VAL A 71 -3.93 -17.84 -3.05
N LYS A 72 -3.09 -16.99 -3.60
CA LYS A 72 -1.67 -17.26 -3.51
C LYS A 72 -0.89 -16.01 -3.14
N LEU A 73 0.13 -16.21 -2.33
CA LEU A 73 0.98 -15.11 -1.92
C LEU A 73 2.16 -14.96 -2.87
N ALA A 74 2.43 -13.73 -3.29
CA ALA A 74 3.50 -13.43 -4.22
C ALA A 74 4.39 -12.35 -3.61
N LYS A 75 5.69 -12.54 -3.70
CA LYS A 75 6.60 -11.58 -3.08
C LYS A 75 6.97 -10.43 -4.00
N THR A 76 6.82 -10.59 -5.30
CA THR A 76 7.24 -9.58 -6.26
C THR A 76 6.28 -9.53 -7.41
N PRO A 77 6.32 -8.47 -8.23
CA PRO A 77 5.49 -8.43 -9.43
C PRO A 77 5.74 -9.58 -10.39
N GLU A 78 6.98 -10.10 -10.45
CA GLU A 78 7.25 -11.23 -11.31
C GLU A 78 6.62 -12.52 -10.78
N GLU A 79 6.62 -12.73 -9.46
CA GLU A 79 5.86 -13.87 -8.96
C GLU A 79 4.37 -13.67 -9.22
N VAL A 80 3.90 -12.42 -9.20
CA VAL A 80 2.51 -12.15 -9.53
C VAL A 80 2.25 -12.57 -10.97
N TYR A 81 3.17 -12.20 -11.90
CA TYR A 81 3.03 -12.62 -13.28
C TYR A 81 2.93 -14.15 -13.40
N GLU A 82 3.85 -14.88 -12.75
CA GLU A 82 3.91 -16.34 -12.85
C GLU A 82 2.66 -17.00 -12.31
N ILE A 83 2.17 -16.52 -11.16
CA ILE A 83 0.98 -17.12 -10.57
C ILE A 83 -0.23 -16.83 -11.43
N ALA A 84 -0.42 -15.56 -11.80
CA ALA A 84 -1.55 -15.22 -12.66
C ALA A 84 -1.52 -15.98 -13.96
N ASN A 85 -0.31 -16.24 -14.47
CA ASN A 85 -0.19 -16.96 -15.74
C ASN A 85 -0.65 -18.39 -15.62
N GLU A 86 -0.54 -18.97 -14.43
CA GLU A 86 -1.06 -20.31 -14.20
C GLU A 86 -2.55 -20.32 -13.87
N MET A 87 -3.15 -19.15 -13.65
CA MET A 87 -4.58 -19.07 -13.37
C MET A 87 -5.38 -18.64 -14.60
N ILE A 88 -4.95 -17.58 -15.28
CA ILE A 88 -5.76 -17.00 -16.33
C ILE A 88 -5.68 -17.91 -17.56
N GLY A 89 -6.83 -18.34 -18.06
CA GLY A 89 -6.88 -19.27 -19.20
C GLY A 89 -6.77 -20.72 -18.82
N HIS A 90 -6.91 -21.04 -17.54
CA HIS A 90 -6.73 -22.39 -17.04
C HIS A 90 -7.93 -22.77 -16.18
N LYS A 91 -7.96 -24.04 -15.80
CA LYS A 91 -9.11 -24.62 -15.14
C LYS A 91 -8.77 -24.90 -13.69
N LEU A 92 -9.63 -24.44 -12.81
CA LEU A 92 -9.46 -24.66 -11.39
C LEU A 92 -10.46 -25.71 -10.96
N ILE A 93 -9.96 -26.73 -10.26
CA ILE A 93 -10.79 -27.82 -9.77
C ILE A 93 -10.85 -27.68 -8.25
N THR A 94 -12.07 -27.47 -7.76
CA THR A 94 -12.38 -27.40 -6.35
C THR A 94 -13.46 -28.46 -6.06
N LYS A 95 -13.72 -28.72 -4.78
CA LYS A 95 -14.70 -29.74 -4.44
C LYS A 95 -16.08 -29.37 -4.96
N GLN A 96 -16.34 -28.07 -5.14
CA GLN A 96 -17.65 -27.64 -5.61
C GLN A 96 -17.78 -27.74 -7.14
N THR A 97 -16.67 -27.67 -7.87
CA THR A 97 -16.75 -27.75 -9.33
C THR A 97 -16.85 -29.19 -9.81
N GLY A 98 -16.36 -30.13 -9.03
CA GLY A 98 -16.16 -31.47 -9.53
C GLY A 98 -15.01 -31.51 -10.51
N ALA A 99 -14.79 -32.70 -11.09
CA ALA A 99 -13.71 -32.88 -12.04
C ALA A 99 -13.84 -31.97 -13.25
N LYS A 100 -15.05 -31.49 -13.56
CA LYS A 100 -15.20 -30.64 -14.73
C LYS A 100 -14.50 -29.28 -14.56
N GLY A 101 -14.24 -28.85 -13.31
CA GLY A 101 -13.51 -27.62 -13.05
C GLY A 101 -14.23 -26.38 -13.57
N ILE A 102 -13.51 -25.26 -13.52
CA ILE A 102 -14.07 -24.02 -14.03
C ILE A 102 -12.95 -23.21 -14.64
N ASN A 103 -13.21 -22.61 -15.80
CA ASN A 103 -12.19 -21.80 -16.42
C ASN A 103 -12.05 -20.49 -15.65
N CYS A 104 -10.82 -20.07 -15.48
CA CYS A 104 -10.52 -18.79 -14.88
C CYS A 104 -10.09 -17.87 -16.01
N ASN A 105 -10.68 -16.67 -16.11
CA ASN A 105 -10.22 -15.67 -17.09
C ASN A 105 -9.81 -14.37 -16.42
N LYS A 106 -9.64 -14.37 -15.11
CA LYS A 106 -9.26 -13.15 -14.42
C LYS A 106 -8.85 -13.45 -13.00
N VAL A 107 -8.01 -12.57 -12.48
CA VAL A 107 -7.55 -12.63 -11.11
C VAL A 107 -7.75 -11.24 -10.53
N MET A 108 -7.78 -11.20 -9.21
CA MET A 108 -7.66 -9.95 -8.47
C MET A 108 -6.27 -9.92 -7.84
N VAL A 109 -5.59 -8.77 -7.93
CA VAL A 109 -4.30 -8.58 -7.26
C VAL A 109 -4.51 -7.61 -6.10
N CYS A 110 -4.08 -7.98 -4.92
CA CYS A 110 -4.22 -7.05 -3.83
C CYS A 110 -2.99 -7.14 -2.94
N GLY A 111 -2.83 -6.10 -2.13
CA GLY A 111 -1.70 -6.05 -1.24
C GLY A 111 -1.86 -7.07 -0.14
N ALA A 112 -0.72 -7.65 0.26
CA ALA A 112 -0.70 -8.59 1.38
C ALA A 112 -0.75 -7.79 2.69
N VAL A 113 -1.67 -8.19 3.57
CA VAL A 113 -1.91 -7.54 4.86
C VAL A 113 -1.88 -8.61 5.92
N ASP A 114 -1.57 -8.21 7.14
CA ASP A 114 -1.66 -9.07 8.31
C ASP A 114 -3.12 -9.20 8.71
N ILE A 115 -3.63 -10.43 8.75
CA ILE A 115 -5.01 -10.72 9.16
C ILE A 115 -4.98 -11.23 10.58
N LEU A 116 -5.65 -10.53 11.47
CA LEU A 116 -5.60 -10.89 12.89
C LEU A 116 -6.78 -11.76 13.31
N LYS A 117 -7.94 -11.57 12.69
CA LYS A 117 -9.12 -12.35 12.98
C LYS A 117 -9.94 -12.49 11.70
N GLU A 118 -10.59 -13.65 11.56
CA GLU A 118 -11.50 -13.94 10.46
C GLU A 118 -12.83 -14.38 11.04
N PHE A 119 -13.89 -13.74 10.59
CA PHE A 119 -15.26 -14.04 10.96
C PHE A 119 -16.03 -14.43 9.71
N TYR A 120 -17.13 -15.11 9.90
CA TYR A 120 -18.08 -15.33 8.83
C TYR A 120 -19.31 -14.49 9.16
N LEU A 121 -19.80 -13.74 8.18
CA LEU A 121 -21.00 -12.93 8.34
C LEU A 121 -21.74 -12.94 7.03
N SER A 122 -23.05 -13.17 7.08
CA SER A 122 -23.86 -13.13 5.87
C SER A 122 -25.19 -12.46 6.17
N ILE A 123 -25.73 -11.76 5.18
CA ILE A 123 -27.08 -11.22 5.24
C ILE A 123 -27.88 -11.94 4.17
N LEU A 124 -28.97 -12.60 4.58
CA LEU A 124 -29.80 -13.38 3.66
C LEU A 124 -31.28 -13.05 3.79
N LEU A 125 -31.97 -13.06 2.65
CA LEU A 125 -33.41 -12.81 2.62
C LEU A 125 -34.11 -14.14 2.77
N ALA A 128 -35.29 -16.86 5.12
CA ALA A 128 -35.61 -17.04 3.70
C ALA A 128 -37.00 -16.52 3.38
N MET A 129 -38.02 -17.20 3.89
CA MET A 129 -39.42 -16.83 3.72
C MET A 129 -39.90 -16.23 5.04
N GLY A 130 -39.57 -14.97 5.26
CA GLY A 130 -39.98 -14.26 6.45
C GLY A 130 -39.46 -12.84 6.42
N CYS A 131 -38.19 -12.67 6.78
CA CYS A 131 -37.54 -11.36 6.83
C CYS A 131 -36.05 -11.56 6.59
N PRO A 132 -35.29 -10.47 6.47
CA PRO A 132 -33.83 -10.61 6.42
C PRO A 132 -33.29 -11.17 7.72
N VAL A 133 -32.19 -11.94 7.62
CA VAL A 133 -31.48 -12.45 8.78
C VAL A 133 -29.99 -12.21 8.57
N ILE A 134 -29.31 -11.80 9.63
CA ILE A 134 -27.85 -11.72 9.65
C ILE A 134 -27.36 -12.95 10.40
N ILE A 135 -26.52 -13.73 9.76
CA ILE A 135 -25.88 -14.86 10.42
C ILE A 135 -24.38 -14.62 10.50
N ALA A 136 -23.78 -15.10 11.57
CA ALA A 136 -22.37 -14.88 11.77
C ALA A 136 -21.84 -15.89 12.76
N THR A 137 -20.57 -16.23 12.60
CA THR A 137 -19.87 -17.03 13.59
C THR A 137 -18.48 -16.47 13.76
N SER A 138 -17.91 -16.65 14.96
CA SER A 138 -16.54 -16.26 15.26
C SER A 138 -15.51 -17.29 14.78
N GLN A 139 -15.93 -18.44 14.26
CA GLN A 139 -15.00 -19.41 13.71
C GLN A 139 -14.44 -18.90 12.38
N GLY A 140 -13.22 -19.33 12.07
CA GLY A 140 -12.46 -18.80 10.94
C GLY A 140 -13.18 -18.60 9.62
N GLY A 143 -12.53 -22.99 5.67
CA GLY A 143 -13.73 -23.69 5.19
C GLY A 143 -14.95 -23.52 6.09
N ILE A 144 -15.26 -22.27 6.41
CA ILE A 144 -16.22 -22.03 7.45
C ILE A 144 -17.65 -21.93 6.94
N GLU A 145 -17.86 -21.68 5.64
CA GLU A 145 -19.23 -21.60 5.14
C GLU A 145 -19.94 -22.96 5.19
N GLU A 146 -19.20 -24.07 5.07
CA GLU A 146 -19.85 -25.37 5.20
C GLU A 146 -20.11 -25.70 6.68
N VAL A 147 -19.23 -25.25 7.58
CA VAL A 147 -19.48 -25.35 9.01
C VAL A 147 -20.79 -24.65 9.34
N ALA A 148 -21.02 -23.49 8.74
CA ALA A 148 -22.29 -22.80 8.89
C ALA A 148 -23.47 -23.64 8.39
N GLN A 149 -23.29 -24.38 7.31
CA GLN A 149 -24.42 -25.12 6.75
C GLN A 149 -24.68 -26.43 7.49
N LYS A 150 -23.65 -27.16 7.92
CA LYS A 150 -23.83 -28.46 8.58
C LYS A 150 -23.81 -28.37 10.10
N CYS A 151 -23.45 -27.21 10.67
CA CYS A 151 -23.49 -26.92 12.11
C CYS A 151 -24.14 -25.58 12.33
N PRO A 152 -25.35 -25.37 11.84
CA PRO A 152 -25.96 -24.04 12.00
C PRO A 152 -26.08 -23.57 13.47
N GLU A 153 -26.00 -24.48 14.44
CA GLU A 153 -26.08 -24.08 15.83
C GLU A 153 -24.90 -23.24 16.27
N CYS A 154 -23.81 -23.33 15.55
CA CYS A 154 -22.66 -22.50 15.86
C CYS A 154 -22.84 -21.05 15.41
N LEU A 155 -23.99 -20.69 14.84
CA LEU A 155 -24.21 -19.37 14.28
C LEU A 155 -25.02 -18.46 15.20
N PHE A 156 -24.58 -17.20 15.33
CA PHE A 156 -25.47 -16.12 15.72
C PHE A 156 -26.43 -15.84 14.57
N LYS A 157 -27.71 -15.65 14.88
CA LYS A 157 -28.73 -15.38 13.88
C LYS A 157 -29.56 -14.22 14.42
N VAL A 158 -29.73 -13.17 13.62
CA VAL A 158 -30.30 -11.92 14.10
C VAL A 158 -31.41 -11.57 13.12
N PRO A 159 -32.67 -11.67 13.51
CA PRO A 159 -33.73 -11.25 12.58
C PRO A 159 -33.79 -9.75 12.48
N ILE A 160 -34.16 -9.28 11.28
CA ILE A 160 -34.11 -7.87 10.95
C ILE A 160 -35.52 -7.41 10.58
N SER A 161 -36.01 -6.40 11.29
CA SER A 161 -37.28 -5.75 10.94
C SER A 161 -37.11 -5.05 9.60
N VAL A 162 -37.73 -5.58 8.55
CA VAL A 162 -37.55 -4.98 7.22
C VAL A 162 -37.99 -3.52 7.22
N LYS A 163 -38.93 -3.16 8.09
CA LYS A 163 -39.41 -1.78 8.14
C LYS A 163 -38.41 -0.85 8.83
N ASN A 164 -37.72 -1.35 9.86
CA ASN A 164 -36.81 -0.54 10.67
C ASN A 164 -35.34 -0.87 10.44
N GLY A 165 -35.03 -1.83 9.57
CA GLY A 165 -33.68 -2.30 9.38
C GLY A 165 -33.05 -2.77 10.67
N PRO A 166 -31.77 -3.13 10.62
CA PRO A 166 -31.08 -3.54 11.85
C PRO A 166 -30.96 -2.37 12.81
N THR A 167 -31.29 -2.59 14.07
CA THR A 167 -31.06 -1.56 15.06
C THR A 167 -29.58 -1.51 15.43
N ASN A 168 -29.15 -0.36 15.93
CA ASN A 168 -27.80 -0.21 16.43
C ASN A 168 -27.54 -1.16 17.60
N GLU A 169 -28.54 -1.40 18.44
CA GLU A 169 -28.36 -2.30 19.57
C GLU A 169 -28.13 -3.73 19.11
N GLN A 170 -28.77 -4.13 18.00
CA GLN A 170 -28.53 -5.48 17.48
C GLN A 170 -27.10 -5.64 17.00
N LEU A 171 -26.57 -4.63 16.33
CA LEU A 171 -25.25 -4.75 15.71
C LEU A 171 -24.15 -4.61 16.73
N VAL A 172 -24.32 -3.72 17.71
CA VAL A 172 -23.34 -3.66 18.79
C VAL A 172 -23.28 -4.99 19.51
N LYS A 173 -24.45 -5.61 19.75
CA LYS A 173 -24.51 -6.89 20.43
C LYS A 173 -23.88 -7.98 19.58
N LEU A 174 -24.18 -7.96 18.28
CA LEU A 174 -23.58 -8.91 17.36
C LEU A 174 -22.06 -8.76 17.34
N ALA A 175 -21.56 -7.52 17.20
CA ALA A 175 -20.12 -7.31 17.18
C ALA A 175 -19.48 -7.80 18.46
N LYS A 176 -20.06 -7.45 19.61
CA LYS A 176 -19.53 -7.91 20.89
C LYS A 176 -19.67 -9.42 21.04
N ASP A 177 -20.79 -9.99 20.56
CA ASP A 177 -20.95 -11.44 20.63
C ASP A 177 -19.91 -12.16 19.78
N LEU A 178 -19.42 -11.50 18.71
CA LEU A 178 -18.38 -12.11 17.88
C LEU A 178 -16.99 -11.96 18.48
N GLY A 179 -16.88 -11.34 19.65
CA GLY A 179 -15.61 -11.22 20.32
C GLY A 179 -14.85 -9.94 20.06
N LEU A 180 -15.46 -8.97 19.42
CA LEU A 180 -14.78 -7.70 19.16
C LEU A 180 -14.87 -6.82 20.40
N GLU A 181 -13.78 -6.10 20.65
CA GLU A 181 -13.72 -5.15 21.75
C GLU A 181 -13.13 -3.83 21.27
N GLY A 182 -13.34 -2.79 22.10
CA GLY A 182 -12.76 -1.51 21.80
C GLY A 182 -13.40 -0.89 20.58
N ASP A 183 -12.58 -0.16 19.82
CA ASP A 183 -13.05 0.55 18.63
C ASP A 183 -13.48 -0.40 17.52
N LEU A 184 -13.02 -1.66 17.55
CA LEU A 184 -13.46 -2.60 16.53
C LEU A 184 -14.95 -2.88 16.60
N VAL A 185 -15.57 -2.73 17.77
CA VAL A 185 -17.01 -2.93 17.86
C VAL A 185 -17.74 -1.95 16.93
N GLN A 186 -17.48 -0.65 17.12
CA GLN A 186 -18.15 0.36 16.28
C GLN A 186 -17.77 0.22 14.81
N ASP A 187 -16.49 -0.01 14.54
CA ASP A 187 -16.04 -0.27 13.18
C ASP A 187 -16.83 -1.42 12.57
N CYS A 188 -16.99 -2.51 13.32
CA CYS A 188 -17.83 -3.60 12.84
C CYS A 188 -19.26 -3.15 12.64
N VAL A 189 -19.82 -2.42 13.61
CA VAL A 189 -21.19 -1.90 13.45
C VAL A 189 -21.30 -1.13 12.15
N ASP A 190 -20.37 -0.20 11.91
CA ASP A 190 -20.43 0.62 10.71
C ASP A 190 -20.38 -0.22 9.45
N ASN A 191 -19.51 -1.22 9.43
CA ASN A 191 -19.38 -2.04 8.21
C ASN A 191 -20.61 -2.91 7.97
N VAL A 192 -21.21 -3.46 9.02
CA VAL A 192 -22.41 -4.27 8.84
C VAL A 192 -23.58 -3.40 8.41
N LYS A 193 -23.66 -2.16 8.88
CA LYS A 193 -24.69 -1.27 8.36
C LYS A 193 -24.52 -1.08 6.84
N ALA A 194 -23.28 -0.94 6.34
CA ALA A 194 -23.07 -0.83 4.89
C ALA A 194 -23.46 -2.12 4.15
N LEU A 195 -23.08 -3.26 4.69
CA LEU A 195 -23.49 -4.51 4.07
C LEU A 195 -25.03 -4.59 4.00
N TYR A 196 -25.73 -4.06 5.00
CA TYR A 196 -27.19 -4.10 4.93
C TYR A 196 -27.74 -3.21 3.82
N GLN A 197 -27.19 -2.01 3.66
CA GLN A 197 -27.58 -1.15 2.53
C GLN A 197 -27.36 -1.85 1.19
N VAL A 198 -26.24 -2.55 1.03
CA VAL A 198 -26.08 -3.31 -0.21
C VAL A 198 -27.17 -4.36 -0.33
N PHE A 199 -27.41 -5.11 0.74
CA PHE A 199 -28.45 -6.13 0.71
C PHE A 199 -29.80 -5.52 0.35
N ASP A 200 -30.16 -4.44 1.05
CA ASP A 200 -31.47 -3.81 0.89
C ASP A 200 -31.56 -3.09 -0.45
N LYS A 201 -30.74 -2.05 -0.64
CA LYS A 201 -30.89 -1.17 -1.79
C LYS A 201 -30.59 -1.85 -3.12
N CYS A 202 -29.95 -3.01 -3.11
CA CYS A 202 -29.64 -3.72 -4.34
C CYS A 202 -30.49 -4.99 -4.51
N ASP A 203 -31.49 -5.19 -3.65
CA ASP A 203 -32.42 -6.32 -3.76
C ASP A 203 -31.66 -7.64 -3.88
N SER A 204 -30.72 -7.85 -2.97
CA SER A 204 -29.91 -9.05 -2.94
C SER A 204 -30.56 -10.11 -2.08
N THR A 205 -30.38 -11.36 -2.47
CA THR A 205 -30.81 -12.49 -1.66
C THR A 205 -29.75 -12.93 -0.67
N MET A 206 -28.50 -12.50 -0.86
CA MET A 206 -27.42 -12.87 0.05
C MET A 206 -26.22 -11.95 -0.16
N VAL A 207 -25.71 -11.41 0.94
CA VAL A 207 -24.39 -10.76 0.97
C VAL A 207 -23.59 -11.55 1.98
N GLU A 208 -22.60 -12.30 1.47
CA GLU A 208 -21.86 -13.26 2.27
C GLU A 208 -20.41 -12.80 2.32
N ILE A 209 -19.89 -12.62 3.54
CA ILE A 209 -18.54 -12.14 3.76
C ILE A 209 -17.80 -13.23 4.50
N ASN A 210 -16.89 -13.91 3.81
CA ASN A 210 -16.20 -15.06 4.38
C ASN A 210 -14.77 -15.05 3.90
N PRO A 211 -13.85 -14.37 4.62
CA PRO A 211 -14.06 -13.77 5.92
C PRO A 211 -14.28 -12.25 5.92
N LEU A 212 -15.01 -11.82 6.93
CA LEU A 212 -14.92 -10.46 7.43
C LEU A 212 -13.74 -10.46 8.39
N GLY A 213 -12.79 -9.56 8.18
CA GLY A 213 -11.55 -9.64 8.92
C GLY A 213 -11.25 -8.46 9.82
N VAL A 214 -10.38 -8.70 10.78
CA VAL A 214 -9.62 -7.66 11.44
C VAL A 214 -8.23 -7.70 10.83
N ILE A 215 -7.85 -6.59 10.20
CA ILE A 215 -6.56 -6.51 9.55
C ILE A 215 -5.79 -5.35 10.14
N GLU A 216 -4.51 -5.35 9.88
CA GLU A 216 -3.64 -4.24 10.22
C GLU A 216 -3.39 -3.43 8.96
N THR A 217 -3.46 -2.11 9.13
CA THR A 217 -3.07 -1.18 8.09
C THR A 217 -1.56 -1.18 8.02
N PRO A 218 -0.98 -0.50 7.03
CA PRO A 218 0.48 -0.50 6.91
C PRO A 218 1.17 0.16 8.08
N THR A 219 0.47 1.01 8.84
CA THR A 219 1.01 1.62 10.04
C THR A 219 0.41 1.00 11.31
N ASP A 220 -0.12 -0.21 11.18
CA ASP A 220 -0.43 -1.13 12.28
C ASP A 220 -1.72 -0.81 13.03
N GLU A 221 -2.57 0.05 12.50
CA GLU A 221 -3.90 0.20 13.08
C GLU A 221 -4.74 -1.01 12.73
N LYS A 222 -5.59 -1.44 13.66
CA LYS A 222 -6.47 -2.57 13.41
C LYS A 222 -7.83 -2.06 12.91
N VAL A 223 -8.28 -2.63 11.81
CA VAL A 223 -9.55 -2.22 11.21
C VAL A 223 -10.31 -3.45 10.72
N ILE A 224 -11.63 -3.29 10.69
CA ILE A 224 -12.54 -4.27 10.12
C ILE A 224 -12.49 -4.14 8.60
N CYS A 225 -12.44 -5.27 7.91
CA CYS A 225 -12.35 -5.22 6.46
C CYS A 225 -12.94 -6.45 5.79
N CYS A 226 -13.78 -6.28 4.76
CA CYS A 226 -14.20 -7.47 4.00
C CYS A 226 -13.03 -8.05 3.20
N LEU A 227 -12.68 -9.32 3.46
CA LEU A 227 -11.57 -10.00 2.78
C LEU A 227 -12.00 -10.99 1.70
N ASP A 228 -13.26 -11.40 1.69
CA ASP A 228 -13.91 -12.09 0.58
C ASP A 228 -15.36 -11.63 0.59
N ALA A 229 -16.02 -11.74 -0.54
CA ALA A 229 -17.39 -11.31 -0.60
C ALA A 229 -18.05 -12.06 -1.74
N LYS A 230 -19.28 -12.50 -1.50
CA LYS A 230 -20.11 -13.14 -2.52
C LYS A 230 -21.51 -12.53 -2.39
N ILE A 231 -22.01 -11.96 -3.47
CA ILE A 231 -23.32 -11.32 -3.47
C ILE A 231 -24.21 -11.95 -4.52
N ALA A 232 -25.41 -12.35 -4.11
CA ALA A 232 -26.38 -13.03 -4.97
C ALA A 232 -27.59 -12.15 -5.27
N PHE A 233 -28.21 -12.41 -6.43
CA PHE A 233 -29.43 -11.70 -6.81
C PHE A 233 -30.51 -12.61 -7.37
N MET B 1 20.44 22.37 -12.53
CA MET B 1 19.02 22.02 -12.85
C MET B 1 18.61 20.76 -12.10
N ASN B 2 17.52 20.86 -11.34
CA ASN B 2 16.99 19.73 -10.58
C ASN B 2 15.68 19.29 -11.17
N ILE B 3 15.42 18.00 -11.04
CA ILE B 3 14.13 17.46 -11.40
C ILE B 3 13.34 17.23 -10.12
N HIS B 4 12.03 17.06 -10.28
CA HIS B 4 11.20 16.95 -9.10
C HIS B 4 11.44 15.63 -8.35
N GLU B 5 10.93 15.59 -7.11
CA GLU B 5 11.02 14.39 -6.28
C GLU B 5 10.44 13.17 -6.98
N TRP B 6 9.20 13.25 -7.47
CA TRP B 6 8.59 12.04 -8.02
C TRP B 6 9.31 11.56 -9.28
N GLN B 7 9.83 12.49 -10.09
CA GLN B 7 10.62 12.12 -11.26
C GLN B 7 11.97 11.52 -10.88
N SER B 8 12.65 12.12 -9.91
CA SER B 8 13.87 11.52 -9.38
C SER B 8 13.60 10.10 -8.90
N LYS B 9 12.52 9.90 -8.13
CA LYS B 9 12.26 8.57 -7.59
C LYS B 9 11.97 7.57 -8.69
N GLN B 10 11.19 7.98 -9.70
CA GLN B 10 10.92 7.09 -10.82
C GLN B 10 12.20 6.69 -11.52
N LEU B 11 13.14 7.62 -11.68
CA LEU B 11 14.41 7.29 -12.30
C LEU B 11 15.18 6.29 -11.45
N ILE B 12 15.17 6.49 -10.14
CA ILE B 12 15.81 5.53 -9.25
C ILE B 12 15.20 4.15 -9.41
N GLN B 13 13.87 4.09 -9.45
CA GLN B 13 13.22 2.79 -9.60
C GLN B 13 13.60 2.15 -10.93
N LYS B 14 13.73 2.96 -11.98
CA LYS B 14 14.11 2.44 -13.28
C LYS B 14 15.42 1.67 -13.21
N TYR B 15 16.36 2.13 -12.35
CA TYR B 15 17.67 1.48 -12.21
C TYR B 15 17.69 0.48 -11.07
N GLY B 16 16.53 0.07 -10.59
CA GLY B 16 16.46 -1.01 -9.63
C GLY B 16 16.49 -0.59 -8.19
N GLY B 17 16.37 0.70 -7.90
CA GLY B 17 16.30 1.16 -6.54
C GLY B 17 14.88 1.15 -6.02
N ARG B 18 14.75 1.05 -4.71
CA ARG B 18 13.45 1.12 -4.07
C ARG B 18 13.17 2.56 -3.66
N ALA B 19 12.08 3.14 -4.14
CA ALA B 19 11.75 4.52 -3.80
C ALA B 19 10.25 4.63 -3.68
N GLN B 20 9.77 5.44 -2.75
CA GLN B 20 8.31 5.65 -2.62
C GLN B 20 7.91 6.78 -3.57
N SER B 21 7.73 6.45 -4.84
CA SER B 21 7.41 7.51 -5.81
C SER B 21 5.96 7.94 -5.76
N GLY B 22 5.10 7.16 -5.11
CA GLY B 22 3.69 7.52 -4.97
C GLY B 22 3.02 7.69 -6.32
N GLU B 23 2.11 8.68 -6.39
CA GLU B 23 1.48 9.06 -7.65
C GLU B 23 1.29 10.57 -7.67
N VAL B 24 1.62 11.18 -8.77
CA VAL B 24 1.51 12.63 -8.89
C VAL B 24 0.08 12.98 -9.28
N ALA B 25 -0.37 14.11 -8.77
CA ALA B 25 -1.72 14.62 -9.01
C ALA B 25 -1.62 16.08 -9.38
N PHE B 26 -2.37 16.49 -10.40
CA PHE B 26 -2.38 17.88 -10.86
C PHE B 26 -3.65 18.62 -10.43
N SER B 27 -4.47 17.99 -9.60
CA SER B 27 -5.65 18.64 -9.03
C SER B 27 -5.93 18.04 -7.68
N PRO B 28 -6.65 18.77 -6.83
CA PRO B 28 -7.09 18.18 -5.56
C PRO B 28 -8.01 17.00 -5.72
N GLU B 29 -8.89 17.04 -6.72
CA GLU B 29 -9.78 15.90 -6.93
C GLU B 29 -9.01 14.66 -7.35
N ARG B 30 -8.03 14.81 -8.24
CA ARG B 30 -7.21 13.65 -8.57
C ARG B 30 -6.47 13.12 -7.35
N SER B 31 -5.98 14.01 -6.48
CA SER B 31 -5.28 13.59 -5.25
C SER B 31 -6.18 12.69 -4.40
N ARG B 32 -7.42 13.12 -4.22
CA ARG B 32 -8.40 12.30 -3.51
C ARG B 32 -8.65 10.96 -4.19
N ASP B 33 -8.74 10.95 -5.52
CA ASP B 33 -8.97 9.71 -6.25
C ASP B 33 -7.83 8.72 -6.05
N ILE B 34 -6.60 9.23 -6.04
CA ILE B 34 -5.44 8.36 -5.76
C ILE B 34 -5.59 7.72 -4.39
N ALA B 35 -5.90 8.53 -3.38
CA ALA B 35 -6.05 8.03 -2.03
C ALA B 35 -7.15 7.00 -1.95
N LYS B 36 -8.29 7.32 -2.56
CA LYS B 36 -9.42 6.39 -2.54
C LYS B 36 -9.09 5.04 -3.16
N LYS B 37 -8.43 5.06 -4.32
CA LYS B 37 -8.04 3.82 -4.97
C LYS B 37 -7.06 3.03 -4.10
N LEU B 38 -6.18 3.71 -3.37
CA LEU B 38 -5.23 2.97 -2.53
C LEU B 38 -5.90 2.20 -1.40
N TRP B 39 -7.04 2.68 -0.94
CA TRP B 39 -7.88 1.99 0.05
C TRP B 39 -8.52 0.73 -0.51
N ASN B 40 -8.47 0.52 -1.82
CA ASN B 40 -8.82 -0.78 -2.38
C ASN B 40 -7.76 -1.81 -2.10
N GLN B 41 -6.53 -1.35 -1.94
CA GLN B 41 -5.37 -2.23 -1.78
C GLN B 41 -4.93 -2.39 -0.33
N PHE B 42 -4.84 -1.27 0.42
CA PHE B 42 -4.42 -1.28 1.83
C PHE B 42 -5.50 -0.52 2.57
N PRO B 43 -6.65 -1.15 2.78
CA PRO B 43 -7.78 -0.45 3.39
C PRO B 43 -7.39 0.12 4.74
N GLY B 44 -7.84 1.33 5.00
CA GLY B 44 -7.58 1.99 6.29
C GLY B 44 -6.23 2.65 6.41
N CYS B 45 -5.40 2.57 5.38
CA CYS B 45 -4.09 3.19 5.43
C CYS B 45 -4.24 4.71 5.55
N GLU B 46 -3.16 5.34 5.96
CA GLU B 46 -3.05 6.79 5.92
C GLU B 46 -2.23 7.21 4.71
N PHE B 47 -2.21 8.53 4.48
CA PHE B 47 -1.66 9.15 3.28
C PHE B 47 -0.73 10.29 3.67
N VAL B 48 0.25 10.53 2.83
CA VAL B 48 1.13 11.69 2.92
C VAL B 48 0.99 12.45 1.63
N VAL B 49 0.81 13.76 1.73
CA VAL B 49 0.68 14.65 0.58
C VAL B 49 1.92 15.52 0.57
N LYS B 50 2.67 15.48 -0.53
CA LYS B 50 3.93 16.18 -0.64
C LYS B 50 3.89 17.14 -1.81
N ALA B 51 4.02 18.43 -1.52
CA ALA B 51 4.10 19.41 -2.59
C ALA B 51 5.30 19.16 -3.48
N GLN B 52 5.10 19.21 -4.79
CA GLN B 52 6.19 19.04 -5.76
C GLN B 52 6.58 20.43 -6.21
N VAL B 53 7.67 20.95 -5.63
CA VAL B 53 8.20 22.26 -5.96
C VAL B 53 9.71 22.13 -6.13
N LEU B 54 10.27 22.92 -7.03
CA LEU B 54 11.73 22.95 -7.24
C LEU B 54 12.35 23.93 -6.26
N ALA B 55 12.54 23.47 -5.03
CA ALA B 55 13.08 24.30 -3.97
C ALA B 55 13.35 23.39 -2.79
N GLY B 56 14.30 23.77 -1.97
CA GLY B 56 14.59 23.00 -0.79
C GLY B 56 13.79 23.45 0.41
N GLY B 57 13.87 22.66 1.47
CA GLY B 57 13.12 22.96 2.68
C GLY B 57 11.62 22.84 2.51
N ARG B 58 11.18 22.00 1.57
CA ARG B 58 9.76 21.86 1.28
C ARG B 58 8.96 21.42 2.50
N GLY B 59 9.42 20.36 3.15
CA GLY B 59 8.64 19.79 4.22
C GLY B 59 8.46 20.72 5.39
N LYS B 60 9.47 21.52 5.67
CA LYS B 60 9.45 22.41 6.82
C LYS B 60 8.79 23.76 6.51
N GLY B 61 8.53 24.04 5.23
CA GLY B 61 7.97 25.31 4.82
C GLY B 61 6.52 25.51 5.25
N HIS B 62 5.99 26.69 4.93
CA HIS B 62 4.62 27.04 5.26
C HIS B 62 4.02 27.77 4.06
N TRP B 63 2.68 27.68 3.93
CA TRP B 63 2.02 28.27 2.79
C TRP B 63 1.65 29.72 3.09
N GLU B 64 1.54 30.51 2.02
CA GLU B 64 1.25 31.93 2.15
C GLU B 64 -0.01 32.14 2.98
N HIS B 65 -1.03 31.31 2.79
CA HIS B 65 -2.30 31.52 3.49
C HIS B 65 -2.38 30.81 4.83
N GLY B 66 -1.27 30.29 5.35
CA GLY B 66 -1.20 29.86 6.73
C GLY B 66 -0.99 28.37 6.96
N MET B 67 -1.31 27.49 6.03
CA MET B 67 -1.10 26.08 6.32
C MET B 67 0.38 25.82 6.57
N GLN B 68 0.66 24.99 7.58
CA GLN B 68 2.01 24.62 7.95
C GLN B 68 2.36 23.30 7.28
N GLY B 69 3.49 23.31 6.56
CA GLY B 69 4.12 22.12 6.02
C GLY B 69 3.94 21.90 4.53
N GLY B 70 5.04 21.60 3.82
CA GLY B 70 4.93 21.12 2.45
C GLY B 70 4.74 19.63 2.31
N VAL B 71 4.85 18.91 3.43
CA VAL B 71 4.62 17.49 3.51
C VAL B 71 3.64 17.31 4.68
N LYS B 72 2.47 16.70 4.43
CA LYS B 72 1.44 16.65 5.47
C LYS B 72 0.80 15.27 5.54
N LEU B 73 0.39 14.87 6.75
CA LEU B 73 -0.26 13.58 6.95
C LEU B 73 -1.78 13.73 6.82
N ALA B 74 -2.40 12.78 6.15
CA ALA B 74 -3.84 12.77 5.90
C ALA B 74 -4.41 11.40 6.27
N LYS B 75 -5.59 11.40 6.91
CA LYS B 75 -6.16 10.15 7.39
C LYS B 75 -7.14 9.54 6.40
N THR B 76 -7.70 10.35 5.51
CA THR B 76 -8.74 9.92 4.58
C THR B 76 -8.51 10.57 3.24
N PRO B 77 -9.15 10.06 2.18
CA PRO B 77 -9.10 10.74 0.90
C PRO B 77 -9.65 12.15 0.94
N GLU B 78 -10.65 12.41 1.79
CA GLU B 78 -11.17 13.77 1.88
C GLU B 78 -10.18 14.70 2.54
N GLU B 79 -9.48 14.22 3.57
CA GLU B 79 -8.40 15.03 4.12
C GLU B 79 -7.32 15.25 3.07
N VAL B 80 -7.06 14.24 2.24
CA VAL B 80 -6.10 14.43 1.16
C VAL B 80 -6.58 15.55 0.24
N TYR B 81 -7.85 15.52 -0.13
CA TYR B 81 -8.37 16.61 -0.96
C TYR B 81 -8.15 17.96 -0.31
N GLU B 82 -8.51 18.08 0.98
CA GLU B 82 -8.44 19.38 1.65
C GLU B 82 -7.02 19.90 1.68
N ILE B 83 -6.04 19.02 1.92
CA ILE B 83 -4.64 19.42 1.95
C ILE B 83 -4.16 19.81 0.56
N ALA B 84 -4.42 18.97 -0.42
CA ALA B 84 -4.02 19.28 -1.80
C ALA B 84 -4.68 20.57 -2.25
N ASN B 85 -5.89 20.86 -1.77
CA ASN B 85 -6.55 22.08 -2.19
C ASN B 85 -5.79 23.32 -1.71
N GLU B 86 -5.08 23.24 -0.59
CA GLU B 86 -4.27 24.36 -0.08
C GLU B 86 -2.86 24.33 -0.63
N MET B 87 -2.48 23.29 -1.36
CA MET B 87 -1.14 23.28 -1.95
C MET B 87 -1.16 23.63 -3.43
N ILE B 88 -2.06 23.01 -4.20
CA ILE B 88 -2.09 23.14 -5.65
C ILE B 88 -2.67 24.52 -5.97
N GLY B 89 -1.91 25.31 -6.74
CA GLY B 89 -2.28 26.65 -7.04
C GLY B 89 -1.87 27.66 -6.00
N HIS B 90 -1.02 27.30 -5.04
CA HIS B 90 -0.65 28.22 -3.97
C HIS B 90 0.85 28.29 -3.82
N LYS B 91 1.28 29.21 -2.98
CA LYS B 91 2.68 29.55 -2.83
C LYS B 91 3.23 28.96 -1.55
N LEU B 92 4.34 28.25 -1.66
CA LEU B 92 4.99 27.66 -0.51
C LEU B 92 6.21 28.51 -0.18
N ILE B 93 6.38 28.85 1.10
CA ILE B 93 7.50 29.66 1.57
C ILE B 93 8.44 28.75 2.34
N THR B 94 9.67 28.60 1.86
CA THR B 94 10.68 27.82 2.55
C THR B 94 11.89 28.69 2.85
N LYS B 95 12.79 28.15 3.69
CA LYS B 95 14.05 28.84 3.98
C LYS B 95 14.80 29.18 2.71
N GLN B 96 14.81 28.27 1.73
CA GLN B 96 15.57 28.49 0.50
C GLN B 96 14.88 29.42 -0.48
N THR B 97 13.55 29.56 -0.44
CA THR B 97 12.85 30.45 -1.36
C THR B 97 12.88 31.91 -0.89
N GLY B 98 13.05 32.15 0.39
CA GLY B 98 12.85 33.48 0.90
C GLY B 98 11.37 33.82 0.83
N ALA B 99 11.07 35.06 1.21
CA ALA B 99 9.69 35.52 1.29
C ALA B 99 8.94 35.42 -0.02
N LYS B 100 9.65 35.36 -1.16
CA LYS B 100 9.00 35.26 -2.46
C LYS B 100 8.25 33.95 -2.65
N GLY B 101 8.61 32.90 -1.93
CA GLY B 101 7.93 31.60 -2.07
C GLY B 101 8.10 30.99 -3.45
N ILE B 102 7.38 29.90 -3.67
CA ILE B 102 7.43 29.22 -4.95
C ILE B 102 6.06 28.65 -5.24
N ASN B 103 5.62 28.77 -6.49
CA ASN B 103 4.30 28.26 -6.88
C ASN B 103 4.32 26.73 -6.88
N CYS B 104 3.24 26.15 -6.38
CA CYS B 104 3.01 24.72 -6.46
C CYS B 104 1.78 24.45 -7.32
N ASN B 105 1.91 23.56 -8.29
CA ASN B 105 0.77 23.18 -9.11
C ASN B 105 0.60 21.68 -9.20
N LYS B 106 1.21 20.93 -8.30
CA LYS B 106 1.06 19.50 -8.31
C LYS B 106 1.59 18.95 -7.01
N VAL B 107 1.03 17.81 -6.64
CA VAL B 107 1.46 17.12 -5.43
C VAL B 107 1.72 15.65 -5.72
N MET B 108 2.46 15.02 -4.81
CA MET B 108 2.56 13.57 -4.76
C MET B 108 1.71 13.06 -3.60
N VAL B 109 0.90 12.04 -3.86
CA VAL B 109 0.14 11.33 -2.84
C VAL B 109 0.80 9.99 -2.63
N CYS B 110 1.15 9.70 -1.38
N CYS B 110 1.17 9.67 -1.39
CA CYS B 110 1.90 8.53 -0.97
CA CYS B 110 1.80 8.39 -1.13
C CYS B 110 1.12 7.82 0.13
C CYS B 110 1.30 7.84 0.20
N GLY B 111 1.34 6.52 0.29
CA GLY B 111 0.83 5.86 1.47
C GLY B 111 1.74 6.15 2.65
N ALA B 112 1.16 6.29 3.81
CA ALA B 112 1.95 6.54 5.00
C ALA B 112 2.58 5.23 5.47
N VAL B 113 3.88 5.25 5.77
CA VAL B 113 4.58 4.05 6.23
C VAL B 113 5.26 4.29 7.57
N ASP B 114 5.54 3.20 8.30
CA ASP B 114 6.36 3.32 9.49
C ASP B 114 7.82 3.51 9.09
N ILE B 115 8.40 4.65 9.46
CA ILE B 115 9.78 4.95 9.15
C ILE B 115 10.60 4.67 10.38
N LEU B 116 11.55 3.73 10.28
CA LEU B 116 12.32 3.33 11.45
C LEU B 116 13.65 4.07 11.58
N LYS B 117 14.28 4.40 10.45
CA LYS B 117 15.59 5.04 10.44
C LYS B 117 15.64 5.97 9.25
N GLU B 118 16.34 7.08 9.41
CA GLU B 118 16.53 8.04 8.34
C GLU B 118 18.02 8.27 8.14
N PHE B 119 18.49 8.04 6.94
CA PHE B 119 19.87 8.27 6.60
C PHE B 119 19.90 9.38 5.58
N TYR B 120 21.08 9.97 5.44
CA TYR B 120 21.40 10.88 4.35
C TYR B 120 22.32 10.11 3.40
N LEU B 121 22.07 10.17 2.09
CA LEU B 121 23.04 9.57 1.19
C LEU B 121 23.10 10.38 -0.09
N SER B 122 24.30 10.81 -0.48
CA SER B 122 24.43 11.56 -1.72
C SER B 122 25.63 11.03 -2.47
N ILE B 123 25.55 11.16 -3.79
CA ILE B 123 26.64 10.85 -4.69
C ILE B 123 26.92 12.11 -5.50
N LEU B 124 28.19 12.55 -5.49
CA LEU B 124 28.60 13.75 -6.19
C LEU B 124 30.10 13.64 -6.48
N LEU B 125 30.57 14.52 -7.35
CA LEU B 125 31.99 14.59 -7.66
C LEU B 125 32.67 15.37 -6.59
N ASP B 126 33.71 14.82 -6.01
CA ASP B 126 34.51 15.52 -5.01
C ASP B 126 35.70 16.17 -5.72
N ARG B 127 35.86 17.49 -5.55
CA ARG B 127 36.97 18.17 -6.21
CA ARG B 127 36.98 18.16 -6.22
C ARG B 127 38.32 17.70 -5.65
N ALA B 128 38.43 17.67 -4.33
CA ALA B 128 39.66 17.26 -3.67
C ALA B 128 40.15 15.88 -4.17
N MET B 129 39.28 14.90 -4.12
CA MET B 129 39.73 13.56 -4.45
C MET B 129 39.75 13.28 -5.94
N GLY B 130 39.02 14.08 -6.72
CA GLY B 130 39.06 13.94 -8.16
C GLY B 130 38.31 12.74 -8.65
N CYS B 131 37.33 12.30 -7.89
CA CYS B 131 36.52 11.16 -8.28
C CYS B 131 35.15 11.32 -7.65
N PRO B 132 34.20 10.50 -8.05
CA PRO B 132 32.91 10.46 -7.35
C PRO B 132 33.12 9.99 -5.93
N VAL B 133 32.29 10.51 -5.03
CA VAL B 133 32.30 10.12 -3.63
C VAL B 133 30.86 9.81 -3.22
N ILE B 134 30.70 8.86 -2.30
CA ILE B 134 29.44 8.68 -1.60
C ILE B 134 29.58 9.34 -0.25
N ILE B 135 28.70 10.29 0.02
CA ILE B 135 28.63 10.90 1.35
C ILE B 135 27.36 10.35 2.01
N ALA B 136 27.48 9.95 3.27
CA ALA B 136 26.35 9.36 3.95
C ALA B 136 26.50 9.61 5.44
N THR B 137 25.36 9.75 6.12
CA THR B 137 25.34 9.85 7.57
C THR B 137 24.16 9.05 8.09
N SER B 138 24.27 8.61 9.34
CA SER B 138 23.15 7.96 10.01
C SER B 138 22.17 8.99 10.58
N GLN B 139 22.40 10.27 10.32
CA GLN B 139 21.60 11.35 10.90
C GLN B 139 20.88 12.09 9.77
N GLY B 140 19.89 11.40 9.21
CA GLY B 140 19.15 11.93 8.10
C GLY B 140 18.13 12.98 8.52
N GLY B 141 17.76 13.83 7.56
CA GLY B 141 16.85 14.92 7.79
C GLY B 141 17.50 16.19 8.33
N MET B 142 18.83 16.27 8.33
CA MET B 142 19.56 17.41 8.83
C MET B 142 20.43 18.01 7.74
N GLY B 143 20.81 19.27 7.96
CA GLY B 143 21.79 19.91 7.13
C GLY B 143 23.11 19.17 7.19
N ILE B 144 23.56 18.67 6.04
CA ILE B 144 24.80 17.88 6.02
C ILE B 144 25.98 18.70 6.52
N GLU B 145 25.97 20.02 6.33
CA GLU B 145 27.04 20.87 6.89
C GLU B 145 27.02 20.85 8.42
N GLU B 146 25.82 20.78 9.03
CA GLU B 146 25.72 20.74 10.48
C GLU B 146 26.27 19.43 11.06
N VAL B 147 26.07 18.31 10.33
CA VAL B 147 26.59 17.03 10.79
C VAL B 147 28.11 17.04 10.84
N ALA B 148 28.74 17.55 9.78
CA ALA B 148 30.20 17.65 9.74
C ALA B 148 30.70 18.57 10.84
N GLN B 149 29.98 19.66 11.11
CA GLN B 149 30.40 20.62 12.11
C GLN B 149 30.15 20.13 13.53
N LYS B 150 28.98 19.56 13.81
CA LYS B 150 28.58 19.21 15.17
C LYS B 150 28.65 17.72 15.47
N CYS B 151 28.69 16.86 14.47
CA CYS B 151 28.63 15.43 14.68
C CYS B 151 29.46 14.71 13.62
N PRO B 152 30.73 15.08 13.44
CA PRO B 152 31.53 14.45 12.37
C PRO B 152 31.70 12.94 12.53
N GLU B 153 31.38 12.37 13.68
CA GLU B 153 31.60 10.94 13.89
C GLU B 153 30.67 10.08 13.03
N CYS B 154 29.47 10.57 12.74
CA CYS B 154 28.50 9.79 11.99
C CYS B 154 28.52 10.06 10.49
N LEU B 155 29.52 10.81 10.00
CA LEU B 155 29.64 11.12 8.58
C LEU B 155 30.67 10.20 7.93
N PHE B 156 30.33 9.68 6.76
CA PHE B 156 31.19 8.77 6.00
C PHE B 156 31.32 9.26 4.57
N LYS B 157 32.53 9.22 4.05
CA LYS B 157 32.86 9.77 2.73
C LYS B 157 33.68 8.71 2.02
N VAL B 158 33.11 8.11 0.98
CA VAL B 158 33.61 6.91 0.31
C VAL B 158 33.99 7.26 -1.13
N PRO B 159 35.27 7.27 -1.50
CA PRO B 159 35.64 7.51 -2.90
C PRO B 159 35.27 6.33 -3.75
N ILE B 160 34.92 6.60 -5.01
CA ILE B 160 34.44 5.57 -5.91
C ILE B 160 35.27 5.58 -7.18
N SER B 161 35.70 4.38 -7.61
CA SER B 161 36.48 4.23 -8.83
C SER B 161 35.54 4.45 -10.02
N VAL B 162 35.71 5.58 -10.68
CA VAL B 162 34.78 6.02 -11.71
C VAL B 162 34.74 4.97 -12.81
N LYS B 163 33.79 4.02 -12.69
CA LYS B 163 33.50 2.91 -13.63
C LYS B 163 34.43 1.71 -13.47
N ASN B 164 35.29 1.73 -12.46
CA ASN B 164 35.92 0.53 -11.94
C ASN B 164 35.35 0.13 -10.58
N GLY B 165 34.19 0.70 -10.22
CA GLY B 165 33.57 0.53 -8.92
C GLY B 165 32.28 1.33 -8.93
N PRO B 166 31.61 1.52 -7.76
CA PRO B 166 32.02 1.11 -6.41
C PRO B 166 32.06 -0.39 -6.18
N THR B 167 32.95 -0.84 -5.32
CA THR B 167 33.09 -2.26 -5.10
C THR B 167 32.05 -2.73 -4.09
N ASN B 168 31.76 -4.02 -4.13
CA ASN B 168 30.85 -4.59 -3.14
C ASN B 168 31.38 -4.41 -1.72
N GLU B 169 32.69 -4.49 -1.53
CA GLU B 169 33.23 -4.36 -0.18
C GLU B 169 33.06 -2.95 0.37
N GLN B 170 33.16 -1.94 -0.49
CA GLN B 170 32.91 -0.58 0.00
C GLN B 170 31.46 -0.44 0.47
N LEU B 171 30.53 -1.03 -0.27
CA LEU B 171 29.11 -0.79 0.07
C LEU B 171 28.72 -1.57 1.32
N VAL B 172 29.27 -2.78 1.52
CA VAL B 172 28.98 -3.54 2.72
C VAL B 172 29.47 -2.81 3.96
N LYS B 173 30.68 -2.23 3.89
CA LYS B 173 31.22 -1.50 5.01
C LYS B 173 30.42 -0.24 5.30
N LEU B 174 30.05 0.48 4.25
CA LEU B 174 29.18 1.64 4.46
C LEU B 174 27.88 1.23 5.14
N ALA B 175 27.23 0.17 4.63
CA ALA B 175 25.96 -0.26 5.21
C ALA B 175 26.14 -0.63 6.68
N LYS B 176 27.18 -1.40 6.97
CA LYS B 176 27.47 -1.75 8.36
C LYS B 176 27.88 -0.51 9.16
N ASP B 177 28.59 0.44 8.55
CA ASP B 177 28.94 1.68 9.25
C ASP B 177 27.69 2.50 9.60
N LEU B 178 26.64 2.40 8.80
CA LEU B 178 25.39 3.11 9.07
C LEU B 178 24.56 2.43 10.15
N GLY B 179 24.99 1.29 10.67
CA GLY B 179 24.25 0.63 11.71
C GLY B 179 23.30 -0.43 11.22
N LEU B 180 23.39 -0.81 9.96
CA LEU B 180 22.49 -1.82 9.40
C LEU B 180 23.00 -3.22 9.68
N GLU B 181 22.07 -4.11 9.98
CA GLU B 181 22.33 -5.51 10.23
C GLU B 181 21.38 -6.37 9.42
N GLY B 182 21.75 -7.63 9.27
CA GLY B 182 20.86 -8.59 8.65
C GLY B 182 20.69 -8.38 7.16
N ASP B 183 19.46 -8.63 6.71
CA ASP B 183 19.17 -8.50 5.30
C ASP B 183 19.22 -7.06 4.82
N LEU B 184 19.13 -6.09 5.73
CA LEU B 184 19.19 -4.69 5.32
C LEU B 184 20.56 -4.32 4.78
N VAL B 185 21.62 -5.03 5.19
CA VAL B 185 22.95 -4.73 4.68
C VAL B 185 22.97 -4.89 3.17
N GLN B 186 22.59 -6.07 2.69
CA GLN B 186 22.56 -6.30 1.25
C GLN B 186 21.54 -5.40 0.55
N ASP B 187 20.38 -5.21 1.18
CA ASP B 187 19.38 -4.29 0.64
C ASP B 187 20.00 -2.91 0.45
N CYS B 188 20.78 -2.46 1.42
CA CYS B 188 21.42 -1.17 1.28
C CYS B 188 22.44 -1.18 0.15
N VAL B 189 23.26 -2.24 0.06
CA VAL B 189 24.22 -2.41 -1.02
C VAL B 189 23.51 -2.28 -2.36
N ASP B 190 22.41 -3.02 -2.54
CA ASP B 190 21.72 -3.01 -3.83
C ASP B 190 21.18 -1.64 -4.16
N ASN B 191 20.66 -0.94 -3.16
CA ASN B 191 20.08 0.38 -3.42
C ASN B 191 21.15 1.41 -3.74
N VAL B 192 22.30 1.35 -3.05
CA VAL B 192 23.35 2.30 -3.37
C VAL B 192 23.95 2.05 -4.75
N LYS B 193 24.02 0.77 -5.19
CA LYS B 193 24.49 0.49 -6.53
C LYS B 193 23.58 1.09 -7.59
N ALA B 194 22.25 1.03 -7.35
CA ALA B 194 21.28 1.61 -8.28
C ALA B 194 21.44 3.14 -8.34
N LEU B 195 21.63 3.78 -7.18
CA LEU B 195 21.85 5.21 -7.11
C LEU B 195 23.10 5.62 -7.88
N TYR B 196 24.15 4.80 -7.81
CA TYR B 196 25.34 5.10 -8.60
C TYR B 196 25.07 4.98 -10.08
N GLN B 197 24.32 3.95 -10.48
CA GLN B 197 23.96 3.81 -11.88
C GLN B 197 23.15 5.01 -12.36
N VAL B 198 22.24 5.53 -11.53
CA VAL B 198 21.56 6.76 -11.89
C VAL B 198 22.56 7.89 -12.08
N PHE B 199 23.44 8.07 -11.09
CA PHE B 199 24.46 9.13 -11.17
C PHE B 199 25.30 8.99 -12.43
N ASP B 200 25.80 7.80 -12.69
CA ASP B 200 26.70 7.56 -13.81
C ASP B 200 25.96 7.65 -15.13
N LYS B 201 24.98 6.76 -15.33
CA LYS B 201 24.35 6.60 -16.63
C LYS B 201 23.49 7.78 -17.03
N CYS B 202 23.09 8.63 -16.09
CA CYS B 202 22.28 9.80 -16.40
C CYS B 202 23.10 11.10 -16.33
N ASP B 203 24.42 10.99 -16.17
CA ASP B 203 25.33 12.15 -16.17
C ASP B 203 24.84 13.22 -15.20
N SER B 204 24.56 12.80 -13.99
CA SER B 204 24.11 13.71 -12.96
C SER B 204 25.28 14.31 -12.21
N THR B 205 25.11 15.53 -11.73
CA THR B 205 26.11 16.15 -10.89
C THR B 205 25.88 15.88 -9.41
N MET B 206 24.71 15.38 -9.05
CA MET B 206 24.44 15.05 -7.66
C MET B 206 23.17 14.20 -7.56
N VAL B 207 23.25 13.08 -6.86
CA VAL B 207 22.09 12.28 -6.49
C VAL B 207 22.00 12.33 -4.98
N GLU B 208 20.94 12.96 -4.48
CA GLU B 208 20.82 13.22 -3.05
C GLU B 208 19.54 12.59 -2.53
N ILE B 209 19.68 11.73 -1.52
CA ILE B 209 18.56 11.03 -0.93
C ILE B 209 18.50 11.44 0.52
N ASN B 210 17.50 12.24 0.88
CA ASN B 210 17.43 12.82 2.21
C ASN B 210 15.97 12.91 2.59
N PRO B 211 15.42 11.87 3.23
CA PRO B 211 16.15 10.70 3.74
C PRO B 211 16.09 9.42 2.89
N LEU B 212 17.19 8.67 2.95
CA LEU B 212 17.22 7.26 2.65
C LEU B 212 16.71 6.54 3.89
N GLY B 213 15.61 5.79 3.77
CA GLY B 213 14.98 5.29 4.97
C GLY B 213 15.08 3.81 5.19
N VAL B 214 14.96 3.38 6.44
CA VAL B 214 14.54 2.00 6.72
C VAL B 214 13.08 2.13 7.07
N ILE B 215 12.23 1.47 6.30
CA ILE B 215 10.80 1.51 6.55
C ILE B 215 10.30 0.08 6.73
N GLU B 216 9.09 -0.01 7.29
CA GLU B 216 8.38 -1.28 7.37
C GLU B 216 7.36 -1.38 6.24
N THR B 217 7.30 -2.57 5.65
CA THR B 217 6.24 -2.88 4.69
C THR B 217 4.95 -3.13 5.44
N PRO B 218 3.84 -3.28 4.73
CA PRO B 218 2.56 -3.49 5.42
C PRO B 218 2.48 -4.75 6.22
N THR B 219 3.34 -5.73 5.95
CA THR B 219 3.47 -6.95 6.72
C THR B 219 4.76 -6.97 7.53
N ASP B 220 5.32 -5.80 7.81
CA ASP B 220 6.32 -5.57 8.83
C ASP B 220 7.73 -5.99 8.44
N GLU B 221 8.01 -6.24 7.17
CA GLU B 221 9.39 -6.47 6.77
C GLU B 221 10.10 -5.13 6.74
N LYS B 222 11.37 -5.13 7.11
CA LYS B 222 12.18 -3.93 7.09
C LYS B 222 12.90 -3.83 5.75
N VAL B 223 12.76 -2.70 5.08
CA VAL B 223 13.39 -2.53 3.77
C VAL B 223 13.93 -1.12 3.65
N ILE B 224 14.95 -0.99 2.81
CA ILE B 224 15.55 0.29 2.43
C ILE B 224 14.68 0.98 1.40
N CYS B 225 14.49 2.28 1.58
CA CYS B 225 13.64 2.98 0.62
C CYS B 225 14.04 4.45 0.54
N CYS B 226 14.19 4.96 -0.67
CA CYS B 226 14.38 6.40 -0.83
C CYS B 226 13.07 7.12 -0.52
N LEU B 227 13.05 8.04 0.45
CA LEU B 227 11.84 8.76 0.85
C LEU B 227 11.76 10.20 0.32
N ASP B 228 12.89 10.76 -0.05
CA ASP B 228 12.97 11.97 -0.85
C ASP B 228 14.14 11.76 -1.80
N ALA B 229 14.13 12.47 -2.91
CA ALA B 229 15.23 12.29 -3.83
C ALA B 229 15.35 13.58 -4.62
N LYS B 230 16.60 13.99 -4.83
CA LYS B 230 16.92 15.18 -5.61
C LYS B 230 18.02 14.78 -6.57
N ILE B 231 17.79 14.90 -7.88
CA ILE B 231 18.82 14.58 -8.87
C ILE B 231 19.08 15.86 -9.67
N ALA B 232 20.34 16.29 -9.71
CA ALA B 232 20.76 17.52 -10.36
C ALA B 232 21.52 17.21 -11.65
N PHE B 233 21.40 18.13 -12.61
CA PHE B 233 22.06 18.00 -13.91
C PHE B 233 22.63 19.37 -14.29
N ASP B 234 23.36 19.40 -15.41
CA ASP B 234 23.88 20.66 -15.97
C ASP B 234 23.42 20.85 -17.42
#